data_8PIZ
#
_entry.id   8PIZ
#
_cell.length_a   1.00
_cell.length_b   1.00
_cell.length_c   1.00
_cell.angle_alpha   90.00
_cell.angle_beta   90.00
_cell.angle_gamma   90.00
#
_symmetry.space_group_name_H-M   'P 1'
#
loop_
_entity.id
_entity.type
_entity.pdbx_description
1 polymer Pilin
2 polymer 'C24 nanobody'
3 non-polymer SN-GLYCEROL-3-PHOSPHATE
4 non-polymer 2,4-bisacetamido-2,4,6-trideoxy-beta-D-glucopyranose
#
loop_
_entity_poly.entity_id
_entity_poly.type
_entity_poly.pdbx_seq_one_letter_code
_entity_poly.pdbx_strand_id
1 'polypeptide(L)'
;FTLIELMIVIAIVGILAAVALPAYQDYTARAQVSEAILLAEGQKSAVTEYYLNHGEWPGDNSSAGVATSADIKGKYVQSV
TVANGVITAQMASSNVNNEIKSKKLSLWAKRQNGSVKWFCGQPVTRTTATATDVAAANGKTDDKINTKHLPSTCRDDSSA
S
;
A
2 'polypeptide(L)'
;MAQLQLVESGGGLVQPGGSLRLSCASSGFRSDYYAIVWFRQAPGKEREGVSCISTSGKTTIYADSVKGRFTISRDNAKNT
VYLQMNSLKPEDTAVYYCAADFRGSRLSDVCSYSSMDYWGKGTLATVSSEPKTPKPQPAAALEHHHHHH
;
B
#
# COMPACT_ATOMS: atom_id res chain seq x y z
N PHE A 1 -55.07 25.93 36.42
CA PHE A 1 -54.64 24.55 36.21
C PHE A 1 -54.80 23.72 37.47
N THR A 2 -54.54 22.42 37.35
CA THR A 2 -54.70 21.50 38.49
C THR A 2 -53.53 20.53 38.56
N LEU A 3 -53.66 19.50 39.40
CA LEU A 3 -52.60 18.51 39.54
C LEU A 3 -52.41 17.71 38.26
N ILE A 4 -53.49 17.44 37.53
CA ILE A 4 -53.38 16.70 36.28
C ILE A 4 -52.53 17.48 35.28
N GLU A 5 -52.74 18.80 35.20
CA GLU A 5 -51.94 19.62 34.30
C GLU A 5 -50.46 19.60 34.69
N LEU A 6 -50.18 19.67 35.99
CA LEU A 6 -48.78 19.63 36.42
C LEU A 6 -48.14 18.28 36.09
N MET A 7 -48.88 17.18 36.27
CA MET A 7 -48.36 15.87 35.88
C MET A 7 -48.12 15.81 34.38
N ILE A 8 -49.01 16.42 33.59
CA ILE A 8 -48.85 16.41 32.14
C ILE A 8 -47.60 17.18 31.74
N VAL A 9 -47.37 18.35 32.36
CA VAL A 9 -46.16 19.11 32.02
C VAL A 9 -44.91 18.40 32.50
N ILE A 10 -44.98 17.67 33.62
CA ILE A 10 -43.83 16.88 34.04
C ILE A 10 -43.53 15.78 33.03
N ALA A 11 -44.58 15.11 32.53
CA ALA A 11 -44.38 14.10 31.50
C ALA A 11 -43.82 14.70 30.23
N ILE A 12 -44.28 15.91 29.86
CA ILE A 12 -43.74 16.58 28.67
C ILE A 12 -42.27 16.93 28.86
N VAL A 13 -41.91 17.38 30.07
CA VAL A 13 -40.50 17.66 30.36
C VAL A 13 -39.67 16.40 30.24
N GLY A 14 -40.19 15.28 30.75
CA GLY A 14 -39.50 14.01 30.59
C GLY A 14 -39.34 13.60 29.14
N ILE A 15 -40.38 13.83 28.33
CA ILE A 15 -40.31 13.54 26.90
C ILE A 15 -39.21 14.37 26.25
N LEU A 16 -39.16 15.67 26.56
CA LEU A 16 -38.15 16.54 25.98
C LEU A 16 -36.75 16.12 26.43
N ALA A 17 -36.60 15.72 27.69
CA ALA A 17 -35.30 15.26 28.16
C ALA A 17 -34.86 13.98 27.46
N ALA A 18 -35.79 13.06 27.25
CA ALA A 18 -35.50 11.78 26.60
C ALA A 18 -35.81 11.81 25.11
N VAL A 19 -35.68 12.97 24.46
CA VAL A 19 -35.97 13.07 23.04
C VAL A 19 -34.87 12.39 22.24
N ALA A 20 -35.26 11.77 21.13
CA ALA A 20 -34.29 11.14 20.26
C ALA A 20 -33.45 12.18 19.52
N LEU A 21 -32.21 11.83 19.24
CA LEU A 21 -31.31 12.74 18.57
C LEU A 21 -31.13 12.35 17.11
N PRO A 22 -30.94 13.31 16.21
CA PRO A 22 -30.66 12.99 14.81
C PRO A 22 -29.30 12.33 14.64
N ALA A 23 -28.97 11.93 13.42
CA ALA A 23 -27.69 11.26 13.14
C ALA A 23 -26.55 12.29 13.17
N TYR A 24 -26.33 12.85 14.35
CA TYR A 24 -25.21 13.77 14.52
C TYR A 24 -23.87 13.05 14.38
N GLN A 25 -23.85 11.74 14.64
CA GLN A 25 -22.64 10.97 14.42
C GLN A 25 -22.23 11.00 12.96
N ASP A 26 -23.19 11.02 12.04
CA ASP A 26 -22.86 11.11 10.62
C ASP A 26 -22.19 12.45 10.29
N TYR A 27 -22.71 13.55 10.85
CA TYR A 27 -22.12 14.85 10.59
C TYR A 27 -20.72 14.96 11.21
N THR A 28 -20.54 14.43 12.42
CA THR A 28 -19.21 14.41 13.03
C THR A 28 -18.25 13.55 12.19
N ALA A 29 -18.74 12.43 11.66
CA ALA A 29 -17.92 11.59 10.80
C ALA A 29 -17.53 12.33 9.53
N ARG A 30 -18.46 13.11 8.96
CA ARG A 30 -18.12 13.92 7.80
C ARG A 30 -17.05 14.96 8.15
N ALA A 31 -17.18 15.60 9.31
CA ALA A 31 -16.19 16.59 9.72
C ALA A 31 -14.81 15.95 9.88
N GLN A 32 -14.75 14.77 10.48
CA GLN A 32 -13.47 14.08 10.64
C GLN A 32 -12.92 13.56 9.32
N VAL A 33 -13.81 13.14 8.41
CA VAL A 33 -13.41 12.65 7.09
C VAL A 33 -12.86 13.79 6.24
N SER A 34 -13.30 15.03 6.51
CA SER A 34 -12.72 16.17 5.82
C SER A 34 -11.21 16.25 6.03
N GLU A 35 -10.73 15.86 7.21
CA GLU A 35 -9.29 15.86 7.46
C GLU A 35 -8.58 14.86 6.53
N ALA A 36 -9.14 13.67 6.37
CA ALA A 36 -8.57 12.70 5.45
C ALA A 36 -8.64 13.18 4.00
N ILE A 37 -9.71 13.88 3.65
CA ILE A 37 -9.83 14.45 2.31
C ILE A 37 -8.70 15.45 2.07
N LEU A 38 -8.45 16.32 3.05
CA LEU A 38 -7.36 17.29 2.93
C LEU A 38 -6.00 16.59 2.85
N LEU A 39 -5.79 15.57 3.68
CA LEU A 39 -4.52 14.85 3.66
C LEU A 39 -4.29 14.17 2.31
N ALA A 40 -5.35 13.57 1.74
CA ALA A 40 -5.22 12.97 0.42
C ALA A 40 -4.99 14.02 -0.66
N GLU A 41 -5.66 15.17 -0.56
CA GLU A 41 -5.46 16.24 -1.53
C GLU A 41 -4.05 16.79 -1.47
N GLY A 42 -3.39 16.69 -0.31
CA GLY A 42 -2.02 17.14 -0.20
C GLY A 42 -1.06 16.43 -1.13
N GLN A 43 -1.30 15.14 -1.39
CA GLN A 43 -0.44 14.34 -2.24
C GLN A 43 -0.81 14.45 -3.72
N LYS A 44 -1.87 15.19 -4.04
CA LYS A 44 -2.29 15.31 -5.43
C LYS A 44 -1.22 15.96 -6.29
N SER A 45 -0.54 16.98 -5.76
CA SER A 45 0.49 17.67 -6.52
C SER A 45 1.62 16.72 -6.90
N ALA A 46 2.10 15.93 -5.93
CA ALA A 46 3.18 14.99 -6.21
C ALA A 46 2.74 13.91 -7.19
N VAL A 47 1.53 13.37 -7.00
CA VAL A 47 1.06 12.30 -7.88
C VAL A 47 0.92 12.82 -9.31
N THR A 48 0.33 14.00 -9.47
CA THR A 48 0.16 14.58 -10.80
C THR A 48 1.50 14.92 -11.43
N GLU A 49 2.45 15.42 -10.64
CA GLU A 49 3.77 15.74 -11.18
C GLU A 49 4.44 14.49 -11.71
N TYR A 50 4.40 13.40 -10.94
CA TYR A 50 5.00 12.16 -11.42
C TYR A 50 4.29 11.64 -12.66
N TYR A 51 2.96 11.68 -12.68
CA TYR A 51 2.23 11.18 -13.83
C TYR A 51 2.57 11.98 -15.09
N LEU A 52 2.63 13.31 -14.97
CA LEU A 52 2.95 14.15 -16.12
C LEU A 52 4.39 13.94 -16.58
N ASN A 53 5.34 13.82 -15.65
CA ASN A 53 6.74 13.72 -16.03
C ASN A 53 7.17 12.32 -16.43
N HIS A 54 6.38 11.29 -16.13
CA HIS A 54 6.78 9.92 -16.44
C HIS A 54 5.78 9.17 -17.30
N GLY A 55 4.56 9.68 -17.48
CA GLY A 55 3.58 9.03 -18.33
C GLY A 55 2.84 7.88 -17.69
N GLU A 56 3.15 7.55 -16.44
CA GLU A 56 2.44 6.50 -15.71
C GLU A 56 2.16 6.99 -14.30
N TRP A 57 1.11 6.44 -13.71
CA TRP A 57 0.73 6.84 -12.37
C TRP A 57 1.75 6.35 -11.35
N PRO A 58 1.96 7.11 -10.27
CA PRO A 58 2.92 6.67 -9.23
C PRO A 58 2.45 5.37 -8.59
N GLY A 59 3.31 4.36 -8.64
CA GLY A 59 2.95 3.06 -8.10
C GLY A 59 2.72 3.09 -6.60
N ASP A 60 3.55 3.84 -5.88
CA ASP A 60 3.42 3.93 -4.44
C ASP A 60 4.01 5.23 -3.91
N ASN A 61 4.16 5.32 -2.58
CA ASN A 61 4.62 6.57 -1.97
C ASN A 61 6.07 6.87 -2.32
N SER A 62 6.83 5.84 -2.70
CA SER A 62 8.26 6.02 -2.96
C SER A 62 8.49 6.96 -4.14
N SER A 63 8.05 6.57 -5.34
CA SER A 63 8.31 7.43 -6.50
C SER A 63 7.20 8.44 -6.72
N ALA A 64 6.17 8.43 -5.89
CA ALA A 64 5.26 9.57 -5.86
C ALA A 64 5.92 10.80 -5.27
N GLY A 65 6.93 10.62 -4.43
CA GLY A 65 7.58 11.70 -3.74
C GLY A 65 6.98 12.05 -2.40
N VAL A 66 5.87 11.44 -2.03
CA VAL A 66 5.20 11.72 -0.76
C VAL A 66 5.85 10.89 0.34
N ALA A 67 5.53 11.22 1.59
CA ALA A 67 6.13 10.56 2.73
C ALA A 67 5.59 9.13 2.86
N THR A 68 6.08 8.43 3.88
CA THR A 68 5.64 7.06 4.14
C THR A 68 4.16 7.05 4.48
N SER A 69 3.47 5.97 4.10
CA SER A 69 2.02 5.89 4.29
C SER A 69 1.66 6.01 5.77
N ALA A 70 2.39 5.32 6.64
CA ALA A 70 2.12 5.42 8.07
C ALA A 70 2.48 6.77 8.65
N ASP A 71 3.36 7.53 7.98
CA ASP A 71 3.78 8.83 8.48
C ASP A 71 2.82 9.95 8.14
N ILE A 72 1.97 9.77 7.12
CA ILE A 72 0.99 10.79 6.75
C ILE A 72 -0.25 10.52 7.61
N LYS A 73 -0.22 11.06 8.82
CA LYS A 73 -1.27 10.83 9.80
C LYS A 73 -1.70 12.15 10.41
N GLY A 74 -2.99 12.23 10.74
CA GLY A 74 -3.53 13.40 11.41
C GLY A 74 -4.21 13.04 12.71
N LYS A 75 -5.08 13.92 13.20
CA LYS A 75 -5.80 13.65 14.44
C LYS A 75 -6.73 12.45 14.28
N TYR A 76 -7.40 12.36 13.13
CA TYR A 76 -8.37 11.28 12.89
C TYR A 76 -7.97 10.39 11.73
N VAL A 77 -6.82 10.64 11.10
CA VAL A 77 -6.36 9.86 9.95
C VAL A 77 -5.09 9.13 10.36
N GLN A 78 -5.06 7.83 10.12
CA GLN A 78 -3.93 7.00 10.51
C GLN A 78 -2.98 6.69 9.37
N SER A 79 -3.45 6.74 8.13
CA SER A 79 -2.56 6.42 7.01
C SER A 79 -3.06 7.10 5.75
N VAL A 80 -2.12 7.43 4.86
CA VAL A 80 -2.42 7.93 3.52
C VAL A 80 -1.45 7.24 2.56
N THR A 81 -1.95 6.30 1.77
CA THR A 81 -1.14 5.52 0.87
C THR A 81 -1.42 5.90 -0.58
N VAL A 82 -0.46 5.59 -1.44
CA VAL A 82 -0.59 5.80 -2.88
C VAL A 82 -0.47 4.44 -3.55
N ALA A 83 -1.43 4.12 -4.42
CA ALA A 83 -1.45 2.85 -5.14
C ALA A 83 -1.83 3.14 -6.58
N ASN A 84 -0.86 3.03 -7.48
CA ASN A 84 -1.07 3.25 -8.91
C ASN A 84 -1.74 4.59 -9.18
N GLY A 85 -1.28 5.63 -8.47
CA GLY A 85 -1.83 6.96 -8.65
C GLY A 85 -3.11 7.23 -7.91
N VAL A 86 -3.56 6.32 -7.06
CA VAL A 86 -4.79 6.48 -6.29
C VAL A 86 -4.40 6.70 -4.83
N ILE A 87 -4.87 7.79 -4.24
CA ILE A 87 -4.52 8.16 -2.88
C ILE A 87 -5.64 7.69 -1.96
N THR A 88 -5.34 6.74 -1.09
CA THR A 88 -6.31 6.17 -0.17
C THR A 88 -5.96 6.59 1.25
N ALA A 89 -6.93 7.19 1.94
CA ALA A 89 -6.76 7.64 3.31
C ALA A 89 -7.55 6.75 4.24
N GLN A 90 -6.87 6.18 5.24
CA GLN A 90 -7.47 5.31 6.23
C GLN A 90 -7.44 6.00 7.59
N MET A 91 -8.61 6.07 8.23
CA MET A 91 -8.75 6.73 9.52
C MET A 91 -8.19 5.85 10.64
N ALA A 92 -8.09 6.44 11.83
CA ALA A 92 -7.61 5.74 12.99
C ALA A 92 -8.64 4.73 13.48
N SER A 93 -8.17 3.75 14.25
CA SER A 93 -9.03 2.73 14.82
C SER A 93 -9.52 3.08 16.22
N SER A 94 -9.10 4.22 16.77
CA SER A 94 -9.51 4.61 18.10
C SER A 94 -9.52 6.13 18.20
N ASN A 95 -10.24 6.64 19.20
CA ASN A 95 -10.37 8.07 19.45
C ASN A 95 -10.92 8.81 18.24
N VAL A 96 -11.77 8.13 17.46
CA VAL A 96 -12.43 8.71 16.31
C VAL A 96 -13.90 8.32 16.37
N ASN A 97 -14.67 8.84 15.42
CA ASN A 97 -16.08 8.48 15.35
C ASN A 97 -16.23 6.99 15.05
N ASN A 98 -17.19 6.36 15.72
CA ASN A 98 -17.38 4.91 15.57
C ASN A 98 -17.79 4.54 14.16
N GLU A 99 -18.44 5.44 13.43
CA GLU A 99 -18.92 5.13 12.09
C GLU A 99 -17.81 5.15 11.05
N ILE A 100 -16.66 5.76 11.35
CA ILE A 100 -15.57 5.84 10.39
C ILE A 100 -14.29 5.27 11.01
N LYS A 101 -14.45 4.31 11.91
CA LYS A 101 -13.30 3.68 12.55
C LYS A 101 -12.60 2.76 11.56
N SER A 102 -11.31 3.05 11.32
CA SER A 102 -10.47 2.22 10.44
C SER A 102 -11.09 2.07 9.05
N LYS A 103 -11.70 3.13 8.55
CA LYS A 103 -12.33 3.14 7.25
C LYS A 103 -11.51 3.97 6.27
N LYS A 104 -11.71 3.69 4.98
CA LYS A 104 -10.89 4.27 3.92
C LYS A 104 -11.72 5.06 2.94
N LEU A 105 -11.17 6.18 2.49
CA LEU A 105 -11.70 6.96 1.39
C LEU A 105 -10.63 7.08 0.31
N SER A 106 -11.04 7.47 -0.89
CA SER A 106 -10.14 7.45 -2.04
C SER A 106 -10.20 8.75 -2.80
N LEU A 107 -9.09 9.05 -3.48
CA LEU A 107 -8.98 10.19 -4.39
C LEU A 107 -8.18 9.71 -5.59
N TRP A 108 -8.81 9.69 -6.76
CA TRP A 108 -8.18 9.21 -7.97
C TRP A 108 -8.43 10.19 -9.10
N ALA A 109 -7.53 10.18 -10.09
CA ALA A 109 -7.58 11.11 -11.20
C ALA A 109 -7.63 10.36 -12.52
N LYS A 110 -8.48 10.85 -13.43
CA LYS A 110 -8.57 10.35 -14.78
C LYS A 110 -8.07 11.42 -15.74
N ARG A 111 -7.15 11.03 -16.63
CA ARG A 111 -6.56 11.98 -17.56
C ARG A 111 -7.50 12.18 -18.75
N GLN A 112 -8.00 13.40 -18.90
CA GLN A 112 -8.80 13.78 -20.06
C GLN A 112 -7.90 14.44 -21.11
N ASN A 113 -8.50 14.69 -22.27
CA ASN A 113 -7.74 15.30 -23.37
C ASN A 113 -7.40 16.76 -23.11
N GLY A 114 -8.11 17.42 -22.19
CA GLY A 114 -7.88 18.82 -21.92
C GLY A 114 -7.50 19.12 -20.49
N SER A 115 -7.81 18.21 -19.57
CA SER A 115 -7.53 18.42 -18.16
C SER A 115 -7.37 17.05 -17.49
N VAL A 116 -7.21 17.08 -16.18
CA VAL A 116 -7.14 15.88 -15.35
C VAL A 116 -8.24 15.99 -14.31
N LYS A 117 -9.22 15.09 -14.37
CA LYS A 117 -10.39 15.13 -13.51
C LYS A 117 -10.11 14.34 -12.24
N TRP A 118 -10.19 15.00 -11.09
CA TRP A 118 -9.96 14.36 -9.80
C TRP A 118 -11.29 13.98 -9.18
N PHE A 119 -11.39 12.72 -8.76
CA PHE A 119 -12.61 12.19 -8.16
C PHE A 119 -12.30 11.72 -6.75
N CYS A 120 -13.18 12.07 -5.81
CA CYS A 120 -13.05 11.68 -4.41
C CYS A 120 -14.28 10.87 -4.01
N GLY A 121 -14.06 9.79 -3.26
CA GLY A 121 -15.17 8.96 -2.83
C GLY A 121 -14.70 7.69 -2.16
N GLN A 122 -15.48 6.62 -2.37
CA GLN A 122 -15.18 5.34 -1.75
C GLN A 122 -13.90 4.75 -2.34
N PRO A 123 -13.27 3.82 -1.62
CA PRO A 123 -11.99 3.28 -2.10
C PRO A 123 -12.11 2.65 -3.48
N VAL A 124 -11.09 2.93 -4.32
CA VAL A 124 -10.98 2.36 -5.64
C VAL A 124 -9.56 1.84 -5.81
N THR A 125 -9.40 0.94 -6.79
CA THR A 125 -8.12 0.30 -7.05
C THR A 125 -7.82 0.36 -8.55
N ARG A 126 -6.62 0.81 -8.89
CA ARG A 126 -6.14 0.81 -10.26
C ARG A 126 -5.17 -0.36 -10.43
N THR A 127 -5.49 -1.26 -11.38
CA THR A 127 -4.70 -2.47 -11.53
C THR A 127 -3.27 -2.17 -11.98
N THR A 128 -3.10 -1.26 -12.92
CA THR A 128 -1.81 -0.97 -13.50
C THR A 128 -1.55 0.53 -13.45
N ALA A 129 -0.27 0.89 -13.32
CA ALA A 129 0.10 2.31 -13.26
C ALA A 129 -0.27 3.03 -14.55
N THR A 130 -0.32 2.32 -15.67
CA THR A 130 -0.69 2.90 -16.95
C THR A 130 -2.19 2.80 -17.22
N ALA A 131 -2.96 2.16 -16.35
CA ALA A 131 -4.38 1.98 -16.58
C ALA A 131 -5.12 3.31 -16.44
N THR A 132 -6.13 3.49 -17.28
CA THR A 132 -6.96 4.69 -17.25
C THR A 132 -8.32 4.44 -16.59
N ASP A 133 -8.52 3.28 -16.00
CA ASP A 133 -9.79 2.92 -15.37
C ASP A 133 -9.54 2.46 -13.94
N VAL A 134 -10.54 2.67 -13.09
CA VAL A 134 -10.47 2.29 -11.69
C VAL A 134 -11.69 1.44 -11.36
N ALA A 135 -11.55 0.63 -10.30
CA ALA A 135 -12.61 -0.25 -9.85
C ALA A 135 -12.61 -0.29 -8.33
N ALA A 136 -13.73 -0.72 -7.76
CA ALA A 136 -13.86 -0.82 -6.31
C ALA A 136 -12.76 -1.71 -5.75
N ALA A 137 -12.21 -1.30 -4.60
CA ALA A 137 -11.02 -1.95 -4.04
C ALA A 137 -11.24 -3.43 -3.81
N ASN A 138 -12.12 -3.78 -2.87
CA ASN A 138 -12.41 -5.16 -2.53
C ASN A 138 -13.52 -5.17 -1.48
N GLY A 139 -14.18 -6.32 -1.35
CA GLY A 139 -15.14 -6.49 -0.28
C GLY A 139 -14.45 -6.58 1.07
N LYS A 140 -13.73 -7.68 1.29
CA LYS A 140 -12.92 -7.89 2.50
C LYS A 140 -13.71 -7.59 3.76
N THR A 141 -13.25 -6.61 4.53
CA THR A 141 -13.93 -6.16 5.74
C THR A 141 -14.60 -4.82 5.48
N ASP A 142 -15.18 -4.24 6.54
CA ASP A 142 -15.86 -2.96 6.44
C ASP A 142 -14.84 -1.83 6.45
N ASP A 143 -14.04 -1.80 5.38
CA ASP A 143 -13.04 -0.77 5.17
C ASP A 143 -13.51 0.34 4.26
N LYS A 144 -14.79 0.31 3.86
CA LYS A 144 -15.35 1.28 2.92
C LYS A 144 -16.13 2.34 3.70
N ILE A 145 -15.80 3.61 3.47
CA ILE A 145 -16.53 4.70 4.11
C ILE A 145 -17.92 4.78 3.50
N ASN A 146 -18.93 4.74 4.36
CA ASN A 146 -20.31 4.88 3.90
C ASN A 146 -20.53 6.27 3.32
N THR A 147 -21.36 6.34 2.29
CA THR A 147 -21.65 7.63 1.65
C THR A 147 -22.35 8.59 2.60
N LYS A 148 -22.91 8.10 3.70
CA LYS A 148 -23.49 8.97 4.71
C LYS A 148 -22.44 9.87 5.34
N HIS A 149 -21.22 9.37 5.46
CA HIS A 149 -20.14 10.09 6.14
C HIS A 149 -19.21 10.82 5.16
N LEU A 150 -19.57 10.89 3.89
CA LEU A 150 -18.80 11.61 2.91
C LEU A 150 -19.58 12.83 2.42
N PRO A 151 -18.90 13.92 2.08
CA PRO A 151 -19.60 15.07 1.51
C PRO A 151 -20.23 14.71 0.16
N SER A 152 -21.33 15.39 -0.16
CA SER A 152 -22.02 15.13 -1.41
C SER A 152 -21.14 15.35 -2.63
N THR A 153 -20.09 16.14 -2.49
CA THR A 153 -19.10 16.33 -3.54
C THR A 153 -17.99 15.29 -3.50
N CYS A 154 -18.03 14.37 -2.55
CA CYS A 154 -17.01 13.33 -2.38
C CYS A 154 -17.64 11.95 -2.37
N ARG A 155 -18.61 11.72 -3.26
CA ARG A 155 -19.26 10.42 -3.40
C ARG A 155 -19.17 9.91 -4.83
N ASP A 156 -18.07 10.22 -5.51
CA ASP A 156 -17.90 9.79 -6.90
C ASP A 156 -17.72 8.28 -6.97
N ASP A 157 -18.39 7.67 -7.94
CA ASP A 157 -18.31 6.24 -8.14
C ASP A 157 -17.04 5.87 -8.92
N SER A 158 -16.71 4.58 -8.89
CA SER A 158 -15.55 4.10 -9.64
C SER A 158 -15.77 4.29 -11.14
N SER A 159 -16.99 4.03 -11.62
CA SER A 159 -17.29 4.17 -13.04
C SER A 159 -17.38 5.63 -13.48
N ALA A 160 -17.37 6.57 -12.54
CA ALA A 160 -17.47 7.98 -12.91
C ALA A 160 -16.26 8.42 -13.72
N SER A 161 -16.51 9.23 -14.74
CA SER A 161 -15.45 9.72 -15.62
C SER A 161 -15.81 11.09 -16.18
N ALA B 2 17.14 5.31 9.65
CA ALA B 2 16.33 4.27 9.03
C ALA B 2 17.22 3.24 8.32
N GLN B 3 18.35 2.92 8.93
CA GLN B 3 19.27 1.96 8.36
C GLN B 3 18.66 0.56 8.38
N LEU B 4 18.88 -0.20 7.30
CA LEU B 4 18.38 -1.56 7.17
C LEU B 4 19.54 -2.49 6.92
N GLN B 5 19.56 -3.62 7.62
CA GLN B 5 20.61 -4.63 7.48
C GLN B 5 20.02 -5.87 6.85
N LEU B 6 20.63 -6.32 5.75
CA LEU B 6 20.19 -7.51 5.03
C LEU B 6 21.24 -8.59 5.15
N VAL B 7 20.82 -9.78 5.58
CA VAL B 7 21.71 -10.92 5.76
C VAL B 7 21.21 -12.05 4.88
N GLU B 8 22.09 -12.57 4.02
CA GLU B 8 21.76 -13.66 3.11
C GLU B 8 22.33 -14.96 3.64
N SER B 9 21.55 -16.04 3.50
CA SER B 9 21.98 -17.35 3.96
C SER B 9 21.38 -18.42 3.06
N GLY B 10 21.97 -19.62 3.13
CA GLY B 10 21.49 -20.76 2.39
C GLY B 10 22.31 -21.14 1.18
N GLY B 11 23.26 -20.29 0.77
CA GLY B 11 24.07 -20.61 -0.39
C GLY B 11 25.05 -21.74 -0.13
N GLY B 12 25.45 -22.38 -1.21
CA GLY B 12 26.41 -23.47 -1.11
C GLY B 12 26.45 -24.27 -2.39
N LEU B 13 27.26 -25.32 -2.36
CA LEU B 13 27.39 -26.21 -3.51
C LEU B 13 26.13 -27.02 -3.70
N VAL B 14 25.81 -27.31 -4.97
CA VAL B 14 24.64 -28.11 -5.32
C VAL B 14 24.90 -28.75 -6.68
N GLN B 15 24.23 -29.88 -6.91
CA GLN B 15 24.34 -30.61 -8.16
C GLN B 15 23.42 -30.02 -9.21
N PRO B 16 23.73 -30.20 -10.49
CA PRO B 16 22.81 -29.73 -11.54
C PRO B 16 21.45 -30.39 -11.42
N GLY B 17 20.41 -29.61 -11.67
CA GLY B 17 19.06 -30.09 -11.53
C GLY B 17 18.55 -30.19 -10.10
N GLY B 18 19.31 -29.69 -9.14
CA GLY B 18 18.93 -29.76 -7.74
C GLY B 18 18.05 -28.59 -7.32
N SER B 19 17.86 -28.49 -6.01
CA SER B 19 17.04 -27.43 -5.43
C SER B 19 17.85 -26.67 -4.40
N LEU B 20 17.68 -25.34 -4.40
CA LEU B 20 18.37 -24.47 -3.46
C LEU B 20 17.38 -23.48 -2.88
N ARG B 21 17.68 -22.99 -1.68
CA ARG B 21 16.85 -22.00 -1.00
C ARG B 21 17.75 -20.93 -0.40
N LEU B 22 17.49 -19.67 -0.74
CA LEU B 22 18.23 -18.54 -0.18
C LEU B 22 17.27 -17.71 0.65
N SER B 23 17.68 -17.42 1.88
CA SER B 23 16.88 -16.61 2.80
C SER B 23 17.58 -15.27 3.02
N CYS B 24 16.85 -14.18 2.78
CA CYS B 24 17.32 -12.84 3.05
C CYS B 24 16.53 -12.28 4.23
N ALA B 25 17.21 -12.07 5.35
CA ALA B 25 16.60 -11.54 6.56
C ALA B 25 16.93 -10.06 6.69
N SER B 26 15.90 -9.24 6.88
CA SER B 26 16.05 -7.80 6.99
C SER B 26 15.73 -7.36 8.41
N SER B 27 16.66 -6.62 9.00
CA SER B 27 16.48 -6.05 10.33
C SER B 27 16.57 -4.54 10.22
N GLY B 28 15.54 -3.85 10.70
CA GLY B 28 15.53 -2.40 10.61
C GLY B 28 14.23 -1.84 11.14
N PHE B 29 14.07 -0.53 10.95
CA PHE B 29 12.90 0.16 11.48
C PHE B 29 11.63 -0.28 10.76
N ARG B 30 11.66 -0.33 9.43
CA ARG B 30 10.48 -0.61 8.61
C ARG B 30 10.84 -1.65 7.55
N SER B 31 11.45 -2.75 7.99
CA SER B 31 11.85 -3.81 7.07
C SER B 31 10.66 -4.32 6.25
N ASP B 32 9.45 -4.26 6.80
CA ASP B 32 8.26 -4.65 6.06
C ASP B 32 7.75 -3.55 5.13
N TYR B 33 8.54 -2.50 4.90
CA TYR B 33 8.19 -1.45 3.95
C TYR B 33 9.10 -1.44 2.73
N TYR B 34 9.97 -2.43 2.59
CA TYR B 34 10.96 -2.48 1.52
C TYR B 34 10.63 -3.63 0.59
N ALA B 35 10.59 -3.34 -0.71
CA ALA B 35 10.56 -4.39 -1.71
C ALA B 35 11.91 -5.09 -1.76
N ILE B 36 11.89 -6.41 -1.88
CA ILE B 36 13.11 -7.22 -1.77
C ILE B 36 13.45 -7.74 -3.15
N VAL B 37 14.65 -7.42 -3.63
CA VAL B 37 15.10 -7.77 -4.97
C VAL B 37 16.33 -8.66 -4.85
N TRP B 38 16.29 -9.81 -5.50
CA TRP B 38 17.39 -10.76 -5.56
C TRP B 38 18.10 -10.54 -6.89
N PHE B 39 19.34 -10.05 -6.81
CA PHE B 39 20.25 -9.91 -7.93
C PHE B 39 21.29 -11.03 -7.90
N ARG B 40 21.90 -11.27 -9.05
CA ARG B 40 23.03 -12.20 -9.14
C ARG B 40 24.15 -11.56 -9.94
N GLN B 41 25.39 -11.90 -9.57
CA GLN B 41 26.58 -11.42 -10.26
C GLN B 41 27.50 -12.60 -10.51
N ALA B 42 27.86 -12.83 -11.76
CA ALA B 42 28.75 -13.92 -12.11
C ALA B 42 30.11 -13.38 -12.55
N PRO B 43 31.18 -14.15 -12.33
CA PRO B 43 32.51 -13.69 -12.78
C PRO B 43 32.55 -13.55 -14.29
N GLY B 44 32.88 -12.34 -14.75
CA GLY B 44 32.93 -12.04 -16.16
C GLY B 44 31.72 -11.32 -16.73
N LYS B 45 30.74 -10.99 -15.89
CA LYS B 45 29.56 -10.28 -16.35
C LYS B 45 29.09 -9.34 -15.25
N GLU B 46 28.31 -8.33 -15.65
CA GLU B 46 27.82 -7.33 -14.72
C GLU B 46 26.67 -7.89 -13.89
N ARG B 47 26.33 -7.16 -12.83
CA ARG B 47 25.23 -7.55 -11.97
C ARG B 47 23.90 -7.47 -12.71
N GLU B 48 23.07 -8.49 -12.51
CA GLU B 48 21.75 -8.54 -13.14
C GLU B 48 20.72 -8.98 -12.12
N GLY B 49 19.50 -8.46 -12.26
CA GLY B 49 18.44 -8.84 -11.35
C GLY B 49 17.88 -10.21 -11.68
N VAL B 50 17.47 -10.92 -10.62
CA VAL B 50 16.90 -12.26 -10.76
C VAL B 50 15.41 -12.26 -10.45
N SER B 51 15.03 -11.78 -9.26
CA SER B 51 13.62 -11.87 -8.87
C SER B 51 13.29 -10.81 -7.84
N CYS B 52 12.26 -10.01 -8.11
CA CYS B 52 11.83 -8.97 -7.20
C CYS B 52 10.46 -9.29 -6.63
N ILE B 53 10.29 -9.06 -5.33
CA ILE B 53 9.02 -9.22 -4.64
C ILE B 53 8.65 -7.89 -4.01
N SER B 54 7.39 -7.50 -4.18
CA SER B 54 6.91 -6.20 -3.74
C SER B 54 6.59 -6.23 -2.24
N THR B 55 6.28 -5.04 -1.71
CA THR B 55 5.99 -4.92 -0.29
C THR B 55 4.73 -5.68 0.11
N SER B 56 3.69 -5.61 -0.73
CA SER B 56 2.47 -6.34 -0.44
C SER B 56 2.67 -7.84 -0.58
N GLY B 57 3.60 -8.26 -1.44
CA GLY B 57 3.88 -9.66 -1.65
C GLY B 57 3.03 -10.35 -2.69
N LYS B 58 2.00 -9.67 -3.21
CA LYS B 58 1.14 -10.25 -4.23
C LYS B 58 1.64 -9.98 -5.65
N THR B 59 2.67 -9.16 -5.82
CA THR B 59 3.27 -8.89 -7.12
C THR B 59 4.72 -9.34 -7.09
N THR B 60 5.04 -10.33 -7.91
CA THR B 60 6.39 -10.86 -8.01
C THR B 60 6.81 -10.89 -9.48
N ILE B 61 8.05 -10.48 -9.75
CA ILE B 61 8.57 -10.49 -11.10
C ILE B 61 9.87 -11.28 -11.12
N TYR B 62 10.06 -12.05 -12.19
CA TYR B 62 11.25 -12.88 -12.33
C TYR B 62 11.92 -12.59 -13.66
N ALA B 63 13.22 -12.85 -13.71
CA ALA B 63 13.96 -12.68 -14.95
C ALA B 63 13.54 -13.73 -15.97
N ASP B 64 13.78 -13.42 -17.25
CA ASP B 64 13.38 -14.32 -18.32
C ASP B 64 14.12 -15.66 -18.22
N SER B 65 15.42 -15.61 -17.91
CA SER B 65 16.19 -16.84 -17.81
C SER B 65 15.81 -17.68 -16.60
N VAL B 66 15.16 -17.08 -15.60
CA VAL B 66 14.79 -17.77 -14.37
C VAL B 66 13.29 -17.93 -14.21
N LYS B 67 12.50 -17.38 -15.15
CA LYS B 67 11.05 -17.51 -15.05
C LYS B 67 10.63 -18.97 -15.15
N GLY B 68 9.75 -19.39 -14.24
CA GLY B 68 9.25 -20.73 -14.21
C GLY B 68 10.03 -21.68 -13.32
N ARG B 69 11.25 -21.31 -12.94
CA ARG B 69 12.07 -22.15 -12.07
C ARG B 69 12.32 -21.56 -10.70
N PHE B 70 12.36 -20.24 -10.59
CA PHE B 70 12.62 -19.57 -9.33
C PHE B 70 11.31 -19.04 -8.75
N THR B 71 11.12 -19.22 -7.45
CA THR B 71 9.93 -18.76 -6.76
C THR B 71 10.32 -17.92 -5.56
N ILE B 72 9.73 -16.73 -5.44
CA ILE B 72 10.04 -15.81 -4.36
C ILE B 72 8.82 -15.67 -3.45
N SER B 73 9.08 -15.68 -2.14
CA SER B 73 8.02 -15.56 -1.16
C SER B 73 8.53 -14.69 -0.02
N ARG B 74 7.59 -14.12 0.74
CA ARG B 74 7.91 -13.21 1.83
C ARG B 74 7.17 -13.63 3.09
N ASP B 75 7.85 -13.50 4.23
CA ASP B 75 7.24 -13.74 5.54
C ASP B 75 7.56 -12.55 6.43
N ASN B 76 6.56 -11.71 6.68
CA ASN B 76 6.77 -10.53 7.50
C ASN B 76 6.87 -10.87 8.98
N ALA B 77 6.21 -11.95 9.41
CA ALA B 77 6.33 -12.37 10.80
C ALA B 77 7.76 -12.75 11.15
N LYS B 78 8.43 -13.47 10.26
CA LYS B 78 9.84 -13.80 10.41
C LYS B 78 10.75 -12.79 9.71
N ASN B 79 10.18 -11.82 9.01
CA ASN B 79 10.93 -10.75 8.36
C ASN B 79 12.00 -11.30 7.40
N THR B 80 11.63 -12.32 6.63
CA THR B 80 12.58 -12.95 5.72
C THR B 80 11.93 -13.22 4.38
N VAL B 81 12.73 -13.10 3.32
CA VAL B 81 12.30 -13.39 1.96
C VAL B 81 13.03 -14.63 1.48
N TYR B 82 12.28 -15.61 1.00
CA TYR B 82 12.82 -16.88 0.53
C TYR B 82 12.80 -16.93 -0.99
N LEU B 83 13.91 -17.34 -1.58
CA LEU B 83 14.04 -17.56 -3.01
C LEU B 83 14.39 -19.02 -3.22
N GLN B 84 13.46 -19.77 -3.82
CA GLN B 84 13.65 -21.19 -4.09
C GLN B 84 14.01 -21.36 -5.56
N MET B 85 15.16 -21.97 -5.82
CA MET B 85 15.63 -22.28 -7.16
C MET B 85 15.47 -23.77 -7.40
N ASN B 86 14.81 -24.12 -8.51
CA ASN B 86 14.62 -25.50 -8.91
C ASN B 86 15.23 -25.71 -10.29
N SER B 87 15.71 -26.93 -10.53
CA SER B 87 16.41 -27.29 -11.76
C SER B 87 17.51 -26.28 -12.08
N LEU B 88 18.45 -26.14 -11.15
CA LEU B 88 19.55 -25.20 -11.32
C LEU B 88 20.44 -25.62 -12.49
N LYS B 89 20.90 -24.62 -13.24
CA LYS B 89 21.74 -24.82 -14.40
C LYS B 89 23.16 -24.32 -14.13
N PRO B 90 24.16 -24.84 -14.86
CA PRO B 90 25.54 -24.38 -14.64
C PRO B 90 25.73 -22.89 -14.90
N GLU B 91 24.86 -22.26 -15.69
CA GLU B 91 24.95 -20.82 -15.92
C GLU B 91 24.55 -20.00 -14.70
N ASP B 92 24.00 -20.63 -13.66
CA ASP B 92 23.56 -19.93 -12.47
C ASP B 92 24.66 -19.82 -11.41
N THR B 93 25.87 -20.30 -11.68
CA THR B 93 26.97 -20.18 -10.74
C THR B 93 27.34 -18.70 -10.61
N ALA B 94 27.03 -18.10 -9.47
CA ALA B 94 27.23 -16.68 -9.26
C ALA B 94 27.21 -16.39 -7.76
N VAL B 95 27.16 -15.11 -7.41
CA VAL B 95 26.92 -14.67 -6.05
C VAL B 95 25.62 -13.89 -6.05
N TYR B 96 24.71 -14.26 -5.14
CA TYR B 96 23.38 -13.67 -5.08
C TYR B 96 23.32 -12.65 -3.96
N TYR B 97 22.84 -11.46 -4.30
CA TYR B 97 22.67 -10.37 -3.34
C TYR B 97 21.18 -10.08 -3.18
N CYS B 98 20.78 -9.80 -1.94
CA CYS B 98 19.42 -9.34 -1.66
C CYS B 98 19.48 -7.87 -1.29
N ALA B 99 18.63 -7.07 -1.93
CA ALA B 99 18.63 -5.63 -1.76
C ALA B 99 17.21 -5.17 -1.42
N ALA B 100 17.13 -4.07 -0.69
CA ALA B 100 15.87 -3.51 -0.23
C ALA B 100 15.65 -2.15 -0.89
N ASP B 101 14.50 -1.99 -1.53
CA ASP B 101 14.10 -0.72 -2.13
C ASP B 101 12.95 -0.15 -1.30
N PHE B 102 13.16 1.05 -0.75
CA PHE B 102 12.12 1.67 0.06
C PHE B 102 10.94 2.04 -0.81
N ARG B 103 9.78 1.45 -0.51
CA ARG B 103 8.58 1.67 -1.31
C ARG B 103 7.63 2.68 -0.67
N GLY B 104 7.82 3.01 0.60
CA GLY B 104 6.99 3.99 1.26
C GLY B 104 5.58 3.54 1.56
N SER B 105 5.28 2.26 1.32
CA SER B 105 3.93 1.75 1.51
C SER B 105 4.00 0.24 1.70
N ARG B 106 3.36 -0.26 2.75
CA ARG B 106 3.31 -1.69 2.99
C ARG B 106 2.49 -2.40 1.93
N LEU B 107 1.46 -1.74 1.39
CA LEU B 107 0.59 -2.31 0.38
C LEU B 107 1.05 -2.01 -1.04
N SER B 108 2.34 -1.79 -1.24
CA SER B 108 2.83 -1.46 -2.57
C SER B 108 2.80 -2.68 -3.48
N ASP B 109 2.27 -2.50 -4.68
CA ASP B 109 2.17 -3.57 -5.66
C ASP B 109 3.16 -3.42 -6.80
N VAL B 110 4.14 -2.52 -6.68
CA VAL B 110 5.11 -2.28 -7.74
C VAL B 110 6.51 -2.45 -7.18
N CYS B 111 7.35 -3.13 -7.95
CA CYS B 111 8.75 -3.31 -7.61
C CYS B 111 9.52 -3.64 -8.87
N SER B 112 10.76 -3.14 -8.93
CA SER B 112 11.58 -3.31 -10.12
C SER B 112 13.04 -3.15 -9.75
N TYR B 113 13.92 -3.59 -10.64
CA TYR B 113 15.35 -3.43 -10.49
C TYR B 113 15.72 -1.99 -10.77
N SER B 114 16.01 -1.23 -9.72
CA SER B 114 16.26 0.21 -9.83
C SER B 114 17.26 0.58 -8.74
N SER B 115 17.34 1.88 -8.43
CA SER B 115 18.25 2.34 -7.41
C SER B 115 17.86 1.78 -6.04
N MET B 116 18.65 0.82 -5.56
CA MET B 116 18.38 0.16 -4.29
C MET B 116 19.01 0.93 -3.14
N ASP B 117 18.23 1.12 -2.07
CA ASP B 117 18.72 1.88 -0.93
C ASP B 117 19.78 1.12 -0.15
N TYR B 118 19.54 -0.17 0.10
CA TYR B 118 20.47 -0.99 0.88
C TYR B 118 20.74 -2.29 0.14
N TRP B 119 21.94 -2.83 0.36
CA TRP B 119 22.39 -4.04 -0.31
C TRP B 119 22.86 -5.04 0.73
N GLY B 120 22.80 -6.33 0.35
CA GLY B 120 23.29 -7.39 1.19
C GLY B 120 24.70 -7.82 0.84
N LYS B 121 25.30 -8.60 1.74
CA LYS B 121 26.66 -9.09 1.52
C LYS B 121 26.74 -10.05 0.33
N GLY B 122 25.78 -10.93 0.17
CA GLY B 122 25.78 -11.87 -0.94
C GLY B 122 26.27 -13.24 -0.53
N THR B 123 25.68 -14.26 -1.15
CA THR B 123 26.04 -15.65 -0.91
C THR B 123 26.46 -16.30 -2.21
N LEU B 124 27.54 -17.07 -2.16
CA LEU B 124 28.07 -17.73 -3.35
C LEU B 124 27.26 -19.00 -3.61
N ALA B 125 26.49 -19.00 -4.69
CA ALA B 125 25.70 -20.15 -5.09
C ALA B 125 26.26 -20.67 -6.41
N THR B 126 26.89 -21.84 -6.37
CA THR B 126 27.50 -22.44 -7.53
C THR B 126 27.07 -23.89 -7.66
N VAL B 127 27.02 -24.37 -8.91
CA VAL B 127 26.60 -25.73 -9.21
C VAL B 127 27.61 -26.32 -10.19
N SER B 128 28.11 -27.52 -9.87
CA SER B 128 29.08 -28.19 -10.73
C SER B 128 29.02 -29.70 -10.52
#